data_1FYO
#
_entry.id   1FYO
#
_cell.length_a   1.000
_cell.length_b   1.000
_cell.length_c   1.000
_cell.angle_alpha   90.00
_cell.angle_beta   90.00
_cell.angle_gamma   90.00
#
_symmetry.space_group_name_H-M   'P 1'
#
_entity_poly.entity_id   1
_entity_poly.type   'polyribonucleotide'
_entity_poly.pdbx_seq_one_letter_code
;GGCGUCGCACCUUCGGGUGAAGUCGCC
;
_entity_poly.pdbx_strand_id   A
#